data_5X7Z
#
_entry.id   5X7Z
#
_cell.length_a   86.810
_cell.length_b   86.870
_cell.length_c   43.560
_cell.angle_alpha   90.00
_cell.angle_beta   90.00
_cell.angle_gamma   90.00
#
_symmetry.space_group_name_H-M   'C 2 2 21'
#
loop_
_entity.id
_entity.type
_entity.pdbx_description
1 polymer 'Uncharacterized HTH-type transcriptional regulator Rv2887'
2 non-polymer '2-HYDROXY-4-AMINOBENZOIC ACID'
3 water water
#
_entity_poly.entity_id   1
_entity_poly.type   'polypeptide(L)'
_entity_poly.pdbx_seq_one_letter_code
;MGSSHHHHHHSSGLVPRGSHMMGLADDAPLGYLLYRVGAVLRPEVSAALSPLGLTLPEFVCLRMLSQSPGLSSAELARHA
SVTPQAMNTVLRKLEDAGAVARPASVSSGRSLPATLTARGRALAKRAEAVVRAADARVLARLTAPQQREFKRMLEKLGSD
;
_entity_poly.pdbx_strand_id   A
#
# COMPACT_ATOMS: atom_id res chain seq x y z
N ALA A 28 -2.31 27.92 5.79
CA ALA A 28 -2.56 26.50 5.60
C ALA A 28 -1.97 26.01 4.29
N PRO A 29 -0.65 25.80 4.27
CA PRO A 29 -0.03 25.29 3.04
C PRO A 29 -0.73 24.02 2.56
N LEU A 30 -0.79 23.85 1.24
CA LEU A 30 -1.40 22.67 0.68
C LEU A 30 -0.86 21.41 1.35
N GLY A 31 0.46 21.33 1.50
CA GLY A 31 1.08 20.14 2.06
C GLY A 31 0.63 19.86 3.49
N TYR A 32 0.31 20.90 4.24
CA TYR A 32 -0.26 20.70 5.56
C TYR A 32 -1.66 20.12 5.47
N LEU A 33 -2.48 20.63 4.53
CA LEU A 33 -3.83 20.06 4.36
C LEU A 33 -3.75 18.60 3.93
N LEU A 34 -2.84 18.29 3.01
CA LEU A 34 -2.63 16.89 2.63
C LEU A 34 -2.19 16.05 3.82
N TYR A 35 -1.23 16.54 4.58
CA TYR A 35 -0.80 15.80 5.77
C TYR A 35 -1.97 15.52 6.71
N ARG A 36 -2.84 16.52 6.97
CA ARG A 36 -3.98 16.24 7.86
C ARG A 36 -4.86 15.15 7.30
N VAL A 37 -5.09 15.16 5.98
CA VAL A 37 -5.94 14.07 5.45
C VAL A 37 -5.27 12.72 5.67
N GLY A 38 -3.97 12.60 5.32
CA GLY A 38 -3.28 11.34 5.59
C GLY A 38 -3.34 10.95 7.07
N ALA A 39 -3.32 11.94 7.96
CA ALA A 39 -3.32 11.62 9.39
C ALA A 39 -4.68 11.07 9.83
N VAL A 40 -5.77 11.42 9.15
CA VAL A 40 -7.05 10.75 9.41
C VAL A 40 -7.13 9.38 8.75
N LEU A 41 -6.58 9.26 7.53
CA LEU A 41 -6.69 8.04 6.74
C LEU A 41 -5.91 6.88 7.36
N ARG A 42 -4.69 7.16 7.80
CA ARG A 42 -3.75 6.08 8.11
C ARG A 42 -4.27 5.19 9.22
N PRO A 43 -4.64 5.69 10.39
CA PRO A 43 -5.15 4.80 11.45
C PRO A 43 -6.40 4.05 11.02
N GLU A 44 -7.27 4.65 10.20
CA GLU A 44 -8.41 3.93 9.67
C GLU A 44 -7.97 2.72 8.81
N VAL A 45 -7.01 2.95 7.92
CA VAL A 45 -6.54 1.87 7.06
C VAL A 45 -5.85 0.80 7.90
N SER A 46 -4.98 1.21 8.84
CA SER A 46 -4.31 0.25 9.73
C SER A 46 -5.30 -0.64 10.47
N ALA A 47 -6.35 -0.03 11.04
CA ALA A 47 -7.32 -0.85 11.78
C ALA A 47 -8.08 -1.80 10.85
N ALA A 48 -8.45 -1.33 9.65
CA ALA A 48 -9.07 -2.24 8.68
C ALA A 48 -8.15 -3.42 8.34
N LEU A 49 -6.85 -3.18 8.30
CA LEU A 49 -5.91 -4.21 7.89
C LEU A 49 -5.53 -5.14 9.02
N SER A 50 -5.80 -4.77 10.28
CA SER A 50 -5.34 -5.59 11.40
C SER A 50 -5.89 -7.01 11.39
N PRO A 51 -7.20 -7.24 11.21
CA PRO A 51 -7.71 -8.62 11.19
C PRO A 51 -7.10 -9.51 10.12
N LEU A 52 -6.51 -8.94 9.08
CA LEU A 52 -5.77 -9.69 8.07
C LEU A 52 -4.33 -9.94 8.47
N GLY A 53 -3.90 -9.46 9.63
CA GLY A 53 -2.52 -9.64 10.03
C GLY A 53 -1.54 -8.81 9.24
N LEU A 54 -1.92 -7.60 8.81
CA LEU A 54 -1.03 -6.79 7.99
C LEU A 54 -0.91 -5.40 8.60
N THR A 55 0.31 -4.86 8.61
CA THR A 55 0.51 -3.44 8.84
C THR A 55 0.27 -2.66 7.55
N LEU A 56 0.17 -1.34 7.67
CA LEU A 56 0.06 -0.50 6.49
C LEU A 56 1.29 -0.62 5.58
N PRO A 57 2.53 -0.52 6.11
CA PRO A 57 3.72 -0.79 5.26
C PRO A 57 3.69 -2.11 4.52
N GLU A 58 3.24 -3.18 5.20
CA GLU A 58 3.12 -4.46 4.52
C GLU A 58 2.12 -4.38 3.38
N PHE A 59 0.99 -3.68 3.60
CA PHE A 59 0.01 -3.53 2.52
C PHE A 59 0.61 -2.78 1.33
N VAL A 60 1.34 -1.69 1.59
CA VAL A 60 1.94 -0.91 0.51
C VAL A 60 2.90 -1.76 -0.28
N CYS A 61 3.74 -2.54 0.42
CA CYS A 61 4.64 -3.45 -0.29
C CYS A 61 3.84 -4.41 -1.18
N LEU A 62 2.85 -5.11 -0.61
CA LEU A 62 2.06 -6.05 -1.41
C LEU A 62 1.46 -5.38 -2.65
N ARG A 63 0.80 -4.24 -2.47
CA ARG A 63 0.08 -3.60 -3.58
C ARG A 63 1.05 -3.13 -4.67
N MET A 64 2.11 -2.43 -4.29
CA MET A 64 3.05 -1.94 -5.29
C MET A 64 3.76 -3.10 -5.99
N LEU A 65 4.16 -4.13 -5.25
CA LEU A 65 4.78 -5.28 -5.88
C LEU A 65 3.80 -6.00 -6.80
N SER A 66 2.51 -5.97 -6.48
CA SER A 66 1.57 -6.63 -7.38
C SER A 66 1.47 -5.88 -8.70
N GLN A 67 1.59 -4.55 -8.69
CA GLN A 67 1.50 -3.81 -9.95
C GLN A 67 2.85 -3.57 -10.62
N SER A 68 3.92 -3.45 -9.86
CA SER A 68 5.24 -3.12 -10.40
C SER A 68 6.27 -4.09 -9.84
N PRO A 69 6.16 -5.34 -10.18
CA PRO A 69 7.23 -6.31 -9.87
C PRO A 69 8.63 -5.72 -10.08
N GLY A 70 9.55 -6.03 -9.16
CA GLY A 70 10.94 -5.64 -9.29
C GLY A 70 11.23 -4.21 -8.89
N LEU A 71 10.84 -3.83 -7.67
CA LEU A 71 10.84 -2.45 -7.23
C LEU A 71 11.83 -2.28 -6.08
N SER A 72 12.58 -1.18 -6.11
CA SER A 72 13.58 -0.95 -5.08
C SER A 72 12.89 -0.75 -3.73
N SER A 73 13.48 -1.36 -2.69
CA SER A 73 12.95 -1.15 -1.34
C SER A 73 13.02 0.32 -0.94
N ALA A 74 13.90 1.10 -1.59
CA ALA A 74 13.88 2.55 -1.41
C ALA A 74 12.56 3.13 -1.90
N GLU A 75 12.17 2.82 -3.14
CA GLU A 75 10.89 3.31 -3.65
C GLU A 75 9.73 2.84 -2.76
N LEU A 76 9.73 1.53 -2.43
CA LEU A 76 8.71 0.99 -1.54
C LEU A 76 8.64 1.75 -0.23
N ALA A 77 9.80 2.07 0.36
CA ALA A 77 9.84 2.79 1.62
C ALA A 77 9.33 4.22 1.47
N ARG A 78 9.70 4.90 0.38
CA ARG A 78 9.19 6.25 0.18
C ARG A 78 7.67 6.24 0.06
N HIS A 79 7.10 5.20 -0.56
CA HIS A 79 5.64 5.13 -0.70
C HIS A 79 4.96 4.80 0.62
N ALA A 80 5.56 3.92 1.43
CA ALA A 80 5.01 3.61 2.74
C ALA A 80 5.49 4.57 3.79
N SER A 81 6.28 5.58 3.42
CA SER A 81 6.86 6.53 4.35
C SER A 81 7.38 5.81 5.61
N VAL A 82 8.34 4.92 5.36
CA VAL A 82 9.12 4.24 6.40
C VAL A 82 10.55 4.21 5.90
N THR A 83 11.50 4.02 6.81
CA THR A 83 12.89 3.97 6.36
C THR A 83 13.13 2.72 5.50
N PRO A 84 14.15 2.76 4.65
CA PRO A 84 14.47 1.55 3.86
C PRO A 84 14.76 0.34 4.73
N GLN A 85 15.40 0.53 5.89
CA GLN A 85 15.66 -0.61 6.78
C GLN A 85 14.35 -1.25 7.22
N ALA A 86 13.40 -0.41 7.64
CA ALA A 86 12.08 -0.90 7.99
C ALA A 86 11.44 -1.65 6.82
N MET A 87 11.64 -1.16 5.60
CA MET A 87 11.04 -1.84 4.46
C MET A 87 11.71 -3.19 4.24
N ASN A 88 13.03 -3.26 4.29
CA ASN A 88 13.72 -4.54 4.22
C ASN A 88 13.15 -5.52 5.24
N THR A 89 12.86 -5.04 6.44
CA THR A 89 12.20 -5.90 7.42
C THR A 89 10.82 -6.33 6.93
N VAL A 90 10.05 -5.40 6.34
CA VAL A 90 8.76 -5.75 5.74
C VAL A 90 8.93 -6.85 4.68
N LEU A 91 9.85 -6.62 3.73
CA LEU A 91 10.12 -7.60 2.70
C LEU A 91 10.42 -8.96 3.31
N ARG A 92 11.26 -8.96 4.35
CA ARG A 92 11.66 -10.20 5.01
C ARG A 92 10.45 -10.92 5.58
N LYS A 93 9.54 -10.17 6.22
CA LYS A 93 8.35 -10.79 6.78
C LYS A 93 7.40 -11.31 5.69
N LEU A 94 7.21 -10.54 4.62
CA LEU A 94 6.34 -10.98 3.53
C LEU A 94 6.91 -12.19 2.81
N GLU A 95 8.24 -12.28 2.72
CA GLU A 95 8.87 -13.45 2.12
C GLU A 95 8.73 -14.66 3.05
N ASP A 96 8.99 -14.47 4.34
CA ASP A 96 8.84 -15.58 5.28
C ASP A 96 7.39 -16.08 5.32
N ALA A 97 6.43 -15.24 4.95
CA ALA A 97 5.01 -15.59 5.01
C ALA A 97 4.50 -16.32 3.78
N GLY A 98 5.32 -16.49 2.74
CA GLY A 98 4.85 -17.10 1.50
C GLY A 98 4.03 -16.18 0.61
N ALA A 99 4.05 -14.87 0.87
CA ALA A 99 3.34 -13.92 0.01
C ALA A 99 4.24 -13.26 -1.02
N VAL A 100 5.53 -13.12 -0.74
CA VAL A 100 6.49 -12.60 -1.71
C VAL A 100 7.64 -13.59 -1.83
N ALA A 101 8.17 -13.70 -3.04
CA ALA A 101 9.30 -14.58 -3.33
C ALA A 101 10.35 -13.81 -4.12
N ARG A 102 11.57 -14.37 -4.13
CA ARG A 102 12.65 -13.88 -4.99
C ARG A 102 13.47 -15.07 -5.49
N PRO A 103 12.85 -15.95 -6.28
CA PRO A 103 13.53 -17.21 -6.67
C PRO A 103 14.79 -16.93 -7.47
N ALA A 104 15.91 -17.43 -6.96
CA ALA A 104 17.20 -17.29 -7.64
C ALA A 104 17.14 -17.93 -9.02
N SER A 105 17.50 -17.17 -10.05
CA SER A 105 17.31 -17.61 -11.42
C SER A 105 18.29 -18.72 -11.76
N VAL A 106 17.75 -19.87 -12.21
CA VAL A 106 18.58 -20.89 -12.85
C VAL A 106 18.58 -20.53 -14.34
N SER A 107 19.41 -19.54 -14.69
CA SER A 107 19.54 -19.01 -16.04
C SER A 107 20.88 -18.29 -16.18
N ARG A 110 21.87 -14.92 -11.13
CA ARG A 110 21.39 -13.95 -10.17
C ARG A 110 20.10 -14.42 -9.48
N SER A 111 19.40 -13.49 -8.83
CA SER A 111 18.13 -13.74 -8.17
C SER A 111 17.04 -12.88 -8.81
N LEU A 112 15.84 -13.47 -8.97
CA LEU A 112 14.73 -12.78 -9.61
C LEU A 112 14.20 -11.64 -8.74
N PRO A 113 13.75 -10.55 -9.36
CA PRO A 113 13.10 -9.47 -8.60
C PRO A 113 11.86 -9.97 -7.87
N ALA A 114 11.61 -9.36 -6.71
CA ALA A 114 10.51 -9.79 -5.84
C ALA A 114 9.16 -9.68 -6.54
N THR A 115 8.38 -10.76 -6.45
CA THR A 115 7.01 -10.75 -6.96
C THR A 115 6.12 -11.49 -5.97
N LEU A 116 4.80 -11.34 -6.17
CA LEU A 116 3.84 -12.02 -5.31
C LEU A 116 3.66 -13.46 -5.73
N THR A 117 3.52 -14.36 -4.75
CA THR A 117 3.05 -15.71 -5.00
C THR A 117 1.53 -15.71 -5.18
N ALA A 118 0.97 -16.89 -5.45
CA ALA A 118 -0.49 -17.07 -5.43
C ALA A 118 -1.06 -16.66 -4.07
N ARG A 119 -0.42 -17.12 -2.99
CA ARG A 119 -0.79 -16.72 -1.65
C ARG A 119 -0.79 -15.20 -1.51
N GLY A 120 0.32 -14.56 -1.90
CA GLY A 120 0.41 -13.12 -1.80
C GLY A 120 -0.63 -12.38 -2.62
N ARG A 121 -0.93 -12.89 -3.81
CA ARG A 121 -1.97 -12.26 -4.64
C ARG A 121 -3.34 -12.32 -3.95
N ALA A 122 -3.65 -13.46 -3.30
CA ALA A 122 -4.94 -13.60 -2.63
C ALA A 122 -5.02 -12.71 -1.40
N LEU A 123 -3.98 -12.74 -0.58
CA LEU A 123 -3.78 -11.75 0.47
C LEU A 123 -3.99 -10.33 -0.04
N ALA A 124 -3.20 -9.93 -1.04
CA ALA A 124 -3.30 -8.60 -1.63
C ALA A 124 -4.75 -8.27 -1.96
N LYS A 125 -5.48 -9.22 -2.56
CA LYS A 125 -6.85 -8.93 -2.98
C LYS A 125 -7.74 -8.66 -1.77
N ARG A 126 -7.69 -9.51 -0.74
CA ARG A 126 -8.55 -9.25 0.43
C ARG A 126 -8.16 -7.94 1.10
N ALA A 127 -6.86 -7.66 1.17
CA ALA A 127 -6.38 -6.42 1.78
C ALA A 127 -6.84 -5.19 0.97
N GLU A 128 -6.81 -5.29 -0.37
CA GLU A 128 -7.30 -4.18 -1.18
C GLU A 128 -8.78 -3.93 -0.93
N ALA A 129 -9.54 -5.00 -0.68
CA ALA A 129 -10.96 -4.86 -0.39
C ALA A 129 -11.21 -4.12 0.94
N VAL A 130 -10.52 -4.53 2.03
CA VAL A 130 -10.71 -3.79 3.28
C VAL A 130 -10.18 -2.36 3.15
N VAL A 131 -9.11 -2.14 2.37
CA VAL A 131 -8.59 -0.76 2.28
C VAL A 131 -9.57 0.11 1.51
N ARG A 132 -10.20 -0.44 0.48
CA ARG A 132 -11.22 0.29 -0.27
C ARG A 132 -12.37 0.69 0.64
N ALA A 133 -12.85 -0.24 1.47
CA ALA A 133 -13.91 0.10 2.42
C ALA A 133 -13.46 1.19 3.41
N ALA A 134 -12.22 1.09 3.90
CA ALA A 134 -11.70 2.13 4.79
C ALA A 134 -11.71 3.48 4.11
N ASP A 135 -11.24 3.52 2.86
CA ASP A 135 -11.27 4.75 2.06
C ASP A 135 -12.70 5.30 1.96
N ALA A 136 -13.66 4.46 1.58
CA ALA A 136 -15.04 4.94 1.48
C ALA A 136 -15.53 5.50 2.82
N ARG A 137 -15.14 4.88 3.93
CA ARG A 137 -15.52 5.41 5.24
C ARG A 137 -14.98 6.82 5.44
N VAL A 138 -13.72 7.05 5.05
CA VAL A 138 -13.18 8.41 5.15
C VAL A 138 -13.86 9.34 4.15
N LEU A 139 -14.16 8.85 2.95
CA LEU A 139 -14.76 9.71 1.95
C LEU A 139 -16.25 10.00 2.21
N ALA A 140 -16.88 9.31 3.17
CA ALA A 140 -18.31 9.51 3.43
C ALA A 140 -18.59 10.93 3.92
N ARG A 141 -17.56 11.66 4.35
CA ARG A 141 -17.70 13.07 4.71
C ARG A 141 -18.03 13.94 3.50
N LEU A 142 -17.93 13.41 2.30
CA LEU A 142 -18.31 14.12 1.09
C LEU A 142 -19.53 13.47 0.47
N THR A 143 -20.35 14.30 -0.21
CA THR A 143 -21.44 13.76 -1.02
C THR A 143 -20.86 12.92 -2.14
N ALA A 144 -21.72 12.12 -2.75
CA ALA A 144 -21.30 11.28 -3.88
C ALA A 144 -20.68 12.09 -5.00
N PRO A 145 -21.29 13.20 -5.45
CA PRO A 145 -20.64 14.00 -6.50
C PRO A 145 -19.32 14.60 -6.06
N GLN A 146 -19.23 15.06 -4.81
CA GLN A 146 -17.98 15.61 -4.32
C GLN A 146 -16.89 14.55 -4.27
N GLN A 147 -17.22 13.31 -3.92
CA GLN A 147 -16.21 12.25 -3.94
C GLN A 147 -15.68 12.05 -5.36
N ARG A 148 -16.59 12.00 -6.35
CA ARG A 148 -16.11 11.85 -7.73
C ARG A 148 -15.23 13.03 -8.14
N GLU A 149 -15.67 14.26 -7.87
CA GLU A 149 -14.87 15.42 -8.25
C GLU A 149 -13.54 15.44 -7.51
N PHE A 150 -13.56 15.04 -6.23
CA PHE A 150 -12.34 15.04 -5.43
C PHE A 150 -11.30 14.05 -5.99
N LYS A 151 -11.75 12.85 -6.38
CA LYS A 151 -10.81 11.88 -6.97
C LYS A 151 -10.29 12.37 -8.31
N ARG A 152 -11.16 12.97 -9.16
CA ARG A 152 -10.68 13.61 -10.39
C ARG A 152 -9.62 14.68 -10.12
N MET A 153 -9.88 15.56 -9.17
CA MET A 153 -8.94 16.64 -8.85
C MET A 153 -7.60 16.05 -8.40
N LEU A 154 -7.67 15.03 -7.54
CA LEU A 154 -6.45 14.34 -7.11
C LEU A 154 -5.69 13.78 -8.31
N GLU A 155 -6.38 13.10 -9.21
CA GLU A 155 -5.72 12.51 -10.38
C GLU A 155 -5.03 13.58 -11.20
N LYS A 156 -5.72 14.68 -11.44
CA LYS A 156 -5.13 15.79 -12.18
C LYS A 156 -3.90 16.34 -11.46
N LEU A 157 -3.99 16.58 -10.14
CA LEU A 157 -2.86 17.19 -9.44
C LEU A 157 -1.66 16.25 -9.39
N GLY A 158 -1.90 14.95 -9.44
CA GLY A 158 -0.81 13.99 -9.33
C GLY A 158 -0.25 13.49 -10.65
N SER A 159 -0.79 13.94 -11.77
CA SER A 159 -0.53 13.36 -13.10
C SER A 159 0.94 13.50 -13.56
#